data_9UK4
#
_entry.id   9UK4
#
_cell.length_a   77.830
_cell.length_b   99.050
_cell.length_c   80.270
_cell.angle_alpha   90.00
_cell.angle_beta   90.00
_cell.angle_gamma   90.00
#
_symmetry.space_group_name_H-M   'C 2 2 21'
#
loop_
_entity.id
_entity.type
_entity.pdbx_description
1 polymer 'WD repeat-containing protein 5'
2 polymer ACE-ALA-ARG-ALA-NH2
3 water water
#
loop_
_entity_poly.entity_id
_entity_poly.type
_entity_poly.pdbx_seq_one_letter_code
_entity_poly.pdbx_strand_id
1 'polypeptide(L)'
;SATQSKPTPVKPNYALKFTLAGHTKAVSSVKFSPNGEWLASSSADKLIKIWGAYDGKFEKTISGHKLGISDVAWSSDSNL
LVSASDDKTLKIWDVSSGKCLKTLKGHSNYVFCCNFNPQSNLIVSGSFDESVRIWDVKTGKCLKTLPAHSDPVSAVHFNR
DGSLIVSSSYDGLCRIWDTASGQCLKTLIDDDNPPVSFVKFSPNGKYILAATLDNTLKLWDYSKGKCLKTYTGHKNEKYC
IFANFSVTGGKWIVSGSEDNLVYIWNLQTKEIVQKLQGHTDVVISTACHPTENIIASAALENDKTIKLWKSDC
;
A
2 'polypeptide(L)' (ACE)ARA(NH2) B
#
loop_
_chem_comp.id
_chem_comp.type
_chem_comp.name
_chem_comp.formula
ACE non-polymer 'ACETYL GROUP' 'C2 H4 O'
NH2 non-polymer 'AMINO GROUP' 'H2 N'
#
# COMPACT_ATOMS: atom_id res chain seq x y z
N LYS A 11 -0.19 0.56 -25.61
CA LYS A 11 -0.56 1.56 -24.61
C LYS A 11 -1.98 1.45 -24.05
N PRO A 12 -2.18 1.95 -22.83
CA PRO A 12 -3.52 1.92 -22.24
C PRO A 12 -4.31 3.22 -22.53
N ASN A 13 -5.61 3.19 -22.36
CA ASN A 13 -6.43 4.37 -22.60
C ASN A 13 -7.30 4.68 -21.39
N TYR A 14 -6.65 4.94 -20.29
CA TYR A 14 -7.35 5.23 -19.05
C TYR A 14 -7.98 6.62 -19.11
N ALA A 15 -9.23 6.71 -18.69
CA ALA A 15 -9.99 7.94 -18.75
C ALA A 15 -10.73 8.11 -17.44
N LEU A 16 -10.86 9.35 -17.00
CA LEU A 16 -11.55 9.62 -15.75
C LEU A 16 -13.03 9.27 -15.87
N LYS A 17 -13.55 8.60 -14.85
CA LYS A 17 -14.97 8.26 -14.77
C LYS A 17 -15.65 8.87 -13.57
N PHE A 18 -15.06 8.72 -12.38
CA PHE A 18 -15.69 9.17 -11.16
C PHE A 18 -14.66 9.90 -10.31
N THR A 19 -15.13 10.94 -9.62
CA THR A 19 -14.36 11.60 -8.56
C THR A 19 -15.15 11.43 -7.27
N LEU A 20 -14.47 10.97 -6.22
CA LEU A 20 -15.11 10.58 -4.98
C LEU A 20 -14.62 11.50 -3.87
N ALA A 21 -15.56 12.24 -3.25
CA ALA A 21 -15.24 13.09 -2.10
C ALA A 21 -15.97 12.68 -0.79
N GLY A 22 -15.47 13.09 0.38
CA GLY A 22 -16.05 12.77 1.70
C GLY A 22 -15.03 12.91 2.75
N HIS A 23 -13.82 12.47 2.46
CA HIS A 23 -12.78 12.57 3.40
C HIS A 23 -12.53 14.04 3.66
N THR A 24 -12.49 14.38 4.92
CA THR A 24 -12.31 15.77 5.29
C THR A 24 -10.85 16.17 5.38
N LYS A 25 -9.94 15.20 5.25
CA LYS A 25 -8.51 15.49 5.15
C LYS A 25 -7.88 14.62 4.06
N ALA A 26 -6.59 14.85 3.85
CA ALA A 26 -5.77 14.09 2.93
C ALA A 26 -5.97 12.59 3.02
N VAL A 27 -6.25 11.98 1.88
CA VAL A 27 -6.33 10.52 1.79
C VAL A 27 -4.94 9.91 1.88
N SER A 28 -4.83 8.77 2.57
CA SER A 28 -3.55 8.10 2.72
C SER A 28 -3.42 6.84 1.87
N SER A 29 -4.51 6.16 1.56
CA SER A 29 -4.40 4.85 0.93
C SER A 29 -5.76 4.44 0.38
N VAL A 30 -5.75 3.77 -0.78
CA VAL A 30 -6.96 3.18 -1.36
C VAL A 30 -6.61 1.76 -1.82
N LYS A 31 -7.56 0.84 -1.64
CA LYS A 31 -7.34 -0.58 -1.91
C LYS A 31 -8.65 -1.20 -2.39
N PHE A 32 -8.60 -1.89 -3.53
CA PHE A 32 -9.75 -2.62 -4.01
C PHE A 32 -9.92 -3.92 -3.21
N SER A 33 -11.15 -4.24 -2.86
CA SER A 33 -11.40 -5.52 -2.25
C SER A 33 -11.00 -6.63 -3.22
N PRO A 34 -10.50 -7.77 -2.72
CA PRO A 34 -10.06 -8.83 -3.62
C PRO A 34 -11.16 -9.36 -4.52
N ASN A 35 -12.41 -9.31 -4.05
CA ASN A 35 -13.54 -9.73 -4.87
C ASN A 35 -13.92 -8.66 -5.90
N GLY A 36 -13.20 -7.54 -5.97
CA GLY A 36 -13.50 -6.53 -6.95
C GLY A 36 -14.80 -5.78 -6.76
N GLU A 37 -15.48 -5.97 -5.63
CA GLU A 37 -16.73 -5.25 -5.39
C GLU A 37 -16.49 -3.85 -4.84
N TRP A 38 -15.43 -3.65 -4.04
CA TRP A 38 -15.37 -2.47 -3.19
C TRP A 38 -14.04 -1.75 -3.31
N LEU A 39 -14.08 -0.48 -2.93
CA LEU A 39 -12.88 0.32 -2.69
C LEU A 39 -12.91 0.84 -1.25
N ALA A 40 -11.89 0.51 -0.49
CA ALA A 40 -11.69 1.07 0.83
C ALA A 40 -10.68 2.21 0.75
N SER A 41 -10.90 3.25 1.55
CA SER A 41 -9.96 4.38 1.62
C SER A 41 -9.73 4.74 3.08
N SER A 42 -8.50 5.14 3.38
CA SER A 42 -8.17 5.64 4.70
C SER A 42 -7.66 7.07 4.58
N SER A 43 -7.60 7.76 5.71
CA SER A 43 -7.31 9.18 5.64
C SER A 43 -6.79 9.67 6.97
N ALA A 44 -6.05 10.78 6.92
CA ALA A 44 -5.66 11.53 8.10
C ALA A 44 -6.87 12.03 8.88
N ASP A 45 -8.07 11.89 8.33
CA ASP A 45 -9.27 12.34 9.03
C ASP A 45 -9.78 11.28 10.02
N LYS A 46 -9.04 10.18 10.17
CA LYS A 46 -9.21 9.09 11.14
C LYS A 46 -10.27 8.10 10.68
N LEU A 47 -10.75 8.22 9.44
CA LEU A 47 -11.92 7.47 8.99
C LEU A 47 -11.53 6.54 7.86
N ILE A 48 -12.32 5.47 7.73
CA ILE A 48 -12.26 4.55 6.60
C ILE A 48 -13.59 4.64 5.87
N LYS A 49 -13.54 4.68 4.54
CA LYS A 49 -14.76 4.76 3.75
C LYS A 49 -14.77 3.65 2.73
N ILE A 50 -15.96 3.08 2.49
CA ILE A 50 -16.16 2.01 1.51
C ILE A 50 -16.94 2.59 0.34
N TRP A 51 -16.48 2.31 -0.87
CA TRP A 51 -17.12 2.79 -2.08
C TRP A 51 -17.28 1.64 -3.05
N GLY A 52 -18.35 1.70 -3.86
CA GLY A 52 -18.53 0.75 -4.95
C GLY A 52 -17.41 0.82 -5.97
N ALA A 53 -16.72 -0.29 -6.21
CA ALA A 53 -15.52 -0.28 -7.05
C ALA A 53 -15.77 0.17 -8.47
N TYR A 54 -17.02 0.06 -8.96
CA TYR A 54 -17.35 0.31 -10.36
C TYR A 54 -18.08 1.62 -10.61
N ASP A 55 -18.89 2.11 -9.65
CA ASP A 55 -19.55 3.40 -9.80
C ASP A 55 -19.06 4.43 -8.80
N GLY A 56 -18.11 4.06 -7.94
CA GLY A 56 -17.70 4.95 -6.88
C GLY A 56 -18.81 5.37 -5.95
N LYS A 57 -19.91 4.62 -5.92
CA LYS A 57 -21.03 4.96 -5.05
C LYS A 57 -20.64 4.74 -3.59
N PHE A 58 -20.78 5.79 -2.78
CA PHE A 58 -20.43 5.70 -1.38
C PHE A 58 -21.24 4.62 -0.68
N GLU A 59 -20.56 3.82 0.13
CA GLU A 59 -21.21 2.73 0.84
C GLU A 59 -21.37 3.02 2.32
N LYS A 60 -20.26 3.23 3.05
CA LYS A 60 -20.33 3.44 4.49
C LYS A 60 -19.01 4.01 4.98
N THR A 61 -19.05 4.62 6.17
CA THR A 61 -17.88 5.13 6.87
C THR A 61 -17.57 4.26 8.08
N ILE A 62 -16.29 3.97 8.28
CA ILE A 62 -15.84 3.14 9.39
C ILE A 62 -14.92 3.97 10.27
N SER A 63 -15.22 4.03 11.56
CA SER A 63 -14.55 4.97 12.45
C SER A 63 -14.24 4.29 13.78
N GLY A 64 -13.37 4.93 14.55
CA GLY A 64 -12.87 4.34 15.77
C GLY A 64 -11.44 4.71 16.10
N HIS A 65 -10.60 4.85 15.07
CA HIS A 65 -9.22 5.27 15.32
C HIS A 65 -9.20 6.66 15.95
N LYS A 66 -8.25 6.89 16.86
CA LYS A 66 -8.18 8.15 17.59
C LYS A 66 -7.30 9.18 16.92
N LEU A 67 -6.52 8.78 15.91
CA LEU A 67 -5.65 9.69 15.15
C LEU A 67 -5.69 9.23 13.70
N GLY A 68 -4.97 9.96 12.85
CA GLY A 68 -5.02 9.68 11.42
C GLY A 68 -4.56 8.29 11.06
N ILE A 69 -5.10 7.77 9.96
CA ILE A 69 -4.75 6.45 9.42
C ILE A 69 -3.81 6.64 8.23
N SER A 70 -2.74 5.84 8.17
CA SER A 70 -1.82 5.89 7.04
C SER A 70 -1.98 4.75 6.05
N ASP A 71 -2.73 3.69 6.39
CA ASP A 71 -2.82 2.55 5.47
C ASP A 71 -4.02 1.70 5.85
N VAL A 72 -4.53 0.94 4.88
CA VAL A 72 -5.65 0.03 5.11
C VAL A 72 -5.52 -1.10 4.11
N ALA A 73 -5.98 -2.30 4.48
CA ALA A 73 -5.81 -3.47 3.61
C ALA A 73 -6.92 -4.50 3.85
N TRP A 74 -7.24 -5.27 2.81
CA TRP A 74 -8.34 -6.22 2.87
C TRP A 74 -7.87 -7.62 3.25
N SER A 75 -8.76 -8.38 3.90
CA SER A 75 -8.55 -9.82 3.98
C SER A 75 -8.83 -10.46 2.62
N SER A 76 -8.41 -11.72 2.48
CA SER A 76 -8.51 -12.42 1.20
C SER A 76 -9.97 -12.54 0.77
N ASP A 77 -10.87 -12.75 1.72
CA ASP A 77 -12.28 -12.99 1.46
C ASP A 77 -13.09 -11.70 1.38
N SER A 78 -12.42 -10.54 1.39
CA SER A 78 -13.07 -9.23 1.28
C SER A 78 -14.08 -8.97 2.40
N ASN A 79 -14.00 -9.72 3.50
CA ASN A 79 -14.86 -9.46 4.66
C ASN A 79 -14.21 -8.57 5.72
N LEU A 80 -12.88 -8.49 5.74
CA LEU A 80 -12.18 -7.79 6.80
C LEU A 80 -11.27 -6.70 6.25
N LEU A 81 -10.99 -5.74 7.12
CA LEU A 81 -10.02 -4.67 6.87
C LEU A 81 -9.07 -4.60 8.05
N VAL A 82 -7.83 -4.22 7.78
CA VAL A 82 -6.92 -3.78 8.83
C VAL A 82 -6.43 -2.39 8.47
N SER A 83 -6.33 -1.52 9.47
CA SER A 83 -5.88 -0.15 9.28
C SER A 83 -4.73 0.12 10.22
N ALA A 84 -3.93 1.13 9.88
CA ALA A 84 -2.73 1.47 10.63
C ALA A 84 -2.74 2.97 10.88
N SER A 85 -2.62 3.37 12.17
CA SER A 85 -2.92 4.74 12.55
C SER A 85 -1.79 5.37 13.36
N ASP A 86 -1.79 6.69 13.45
CA ASP A 86 -0.82 7.40 14.25
C ASP A 86 -1.13 7.17 15.73
N ASP A 87 -2.29 6.59 16.02
CA ASP A 87 -2.66 6.27 17.38
C ASP A 87 -1.91 5.03 17.91
N LYS A 88 -1.03 4.47 17.10
CA LYS A 88 -0.17 3.36 17.50
C LYS A 88 -0.88 2.03 17.58
N THR A 89 -2.07 1.98 17.04
CA THR A 89 -2.80 0.73 16.94
C THR A 89 -3.00 0.37 15.49
N LEU A 90 -3.22 -0.93 15.25
CA LEU A 90 -3.99 -1.39 14.12
C LEU A 90 -5.36 -1.79 14.63
N LYS A 91 -6.33 -1.78 13.72
CA LYS A 91 -7.66 -2.27 14.06
C LYS A 91 -8.13 -3.25 12.99
N ILE A 92 -8.78 -4.31 13.42
CA ILE A 92 -9.42 -5.25 12.51
C ILE A 92 -10.90 -4.91 12.45
N TRP A 93 -11.38 -4.68 11.24
CA TRP A 93 -12.77 -4.33 11.00
C TRP A 93 -13.48 -5.47 10.29
N ASP A 94 -14.70 -5.77 10.71
CA ASP A 94 -15.64 -6.54 9.91
C ASP A 94 -16.39 -5.53 9.06
N VAL A 95 -16.22 -5.61 7.73
CA VAL A 95 -16.73 -4.55 6.87
C VAL A 95 -18.26 -4.48 6.90
N SER A 96 -18.92 -5.62 6.81
CA SER A 96 -20.37 -5.60 6.61
C SER A 96 -21.11 -5.14 7.86
N SER A 97 -20.68 -5.58 9.04
CA SER A 97 -21.25 -5.05 10.28
C SER A 97 -20.66 -3.71 10.68
N GLY A 98 -19.47 -3.38 10.17
CA GLY A 98 -18.79 -2.18 10.61
C GLY A 98 -18.09 -2.28 11.95
N LYS A 99 -18.11 -3.44 12.61
CA LYS A 99 -17.53 -3.54 13.94
C LYS A 99 -16.02 -3.50 13.89
N CYS A 100 -15.42 -2.90 14.94
CA CYS A 100 -14.02 -3.16 15.23
C CYS A 100 -13.93 -4.47 16.00
N LEU A 101 -13.28 -5.46 15.39
CA LEU A 101 -13.17 -6.78 16.01
C LEU A 101 -12.01 -6.86 17.00
N LYS A 102 -10.86 -6.33 16.62
CA LYS A 102 -9.68 -6.32 17.48
C LYS A 102 -8.97 -4.99 17.29
N THR A 103 -8.34 -4.53 18.35
CA THR A 103 -7.43 -3.39 18.29
C THR A 103 -6.05 -3.88 18.68
N LEU A 104 -5.14 -3.92 17.72
CA LEU A 104 -3.82 -4.44 17.98
C LEU A 104 -2.87 -3.40 18.58
N LYS A 105 -2.38 -3.67 19.78
CA LYS A 105 -1.48 -2.73 20.44
C LYS A 105 -0.11 -3.31 20.79
N GLY A 106 0.96 -2.53 20.69
CA GLY A 106 2.34 -2.90 21.01
C GLY A 106 3.37 -2.15 20.26
N HIS A 107 2.98 -1.53 19.17
CA HIS A 107 3.92 -0.69 18.51
C HIS A 107 4.14 0.49 19.46
N SER A 108 5.30 1.02 19.51
CA SER A 108 5.66 2.16 20.36
C SER A 108 5.57 3.46 19.64
N ASN A 109 5.19 3.41 18.36
CA ASN A 109 5.10 4.61 17.57
C ASN A 109 4.08 4.44 16.49
N TYR A 110 3.90 5.47 15.69
CA TYR A 110 2.91 5.44 14.62
C TYR A 110 3.04 4.15 13.84
N VAL A 111 1.90 3.52 13.54
CA VAL A 111 1.89 2.42 12.58
C VAL A 111 1.63 3.02 11.22
N PHE A 112 2.44 2.62 10.24
CA PHE A 112 2.45 3.25 8.93
C PHE A 112 1.85 2.40 7.82
N CYS A 113 1.91 1.06 7.96
CA CYS A 113 1.66 0.13 6.86
C CYS A 113 1.12 -1.20 7.37
N CYS A 114 0.31 -1.86 6.56
CA CYS A 114 -0.26 -3.15 6.99
C CYS A 114 -0.75 -3.94 5.78
N ASN A 115 -0.94 -5.24 6.01
CA ASN A 115 -1.42 -6.21 5.03
C ASN A 115 -1.74 -7.51 5.76
N PHE A 116 -2.80 -8.19 5.33
CA PHE A 116 -3.03 -9.59 5.67
C PHE A 116 -2.11 -10.48 4.84
N ASN A 117 -1.79 -11.65 5.38
CA ASN A 117 -1.23 -12.72 4.55
C ASN A 117 -2.37 -13.30 3.70
N PRO A 118 -2.05 -14.07 2.64
CA PRO A 118 -3.13 -14.56 1.77
C PRO A 118 -4.11 -15.47 2.47
N GLN A 119 -3.65 -16.16 3.50
CA GLN A 119 -4.54 -16.95 4.34
C GLN A 119 -5.39 -16.11 5.26
N SER A 120 -4.98 -14.86 5.52
CA SER A 120 -5.70 -13.92 6.38
C SER A 120 -5.91 -14.45 7.80
N ASN A 121 -5.00 -15.32 8.27
CA ASN A 121 -4.86 -15.59 9.70
C ASN A 121 -3.82 -14.68 10.36
N LEU A 122 -3.00 -14.00 9.56
CA LEU A 122 -1.94 -13.15 10.09
C LEU A 122 -2.03 -11.76 9.48
N ILE A 123 -1.65 -10.78 10.28
CA ILE A 123 -1.45 -9.41 9.81
C ILE A 123 -0.02 -9.04 10.07
N VAL A 124 0.61 -8.39 9.09
CA VAL A 124 1.94 -7.81 9.28
C VAL A 124 1.79 -6.29 9.29
N SER A 125 2.65 -5.64 10.07
CA SER A 125 2.57 -4.20 10.27
C SER A 125 3.98 -3.63 10.40
N GLY A 126 4.10 -2.33 10.07
CA GLY A 126 5.36 -1.64 10.21
C GLY A 126 5.12 -0.24 10.74
N SER A 127 6.15 0.30 11.39
CA SER A 127 5.93 1.46 12.24
C SER A 127 7.16 2.36 12.29
N PHE A 128 6.94 3.57 12.78
CA PHE A 128 8.01 4.50 13.08
C PHE A 128 8.90 4.00 14.21
N ASP A 129 8.42 3.02 15.00
CA ASP A 129 9.26 2.42 16.04
C ASP A 129 10.30 1.44 15.45
N GLU A 130 10.44 1.49 14.13
CA GLU A 130 11.46 0.79 13.36
C GLU A 130 11.26 -0.73 13.36
N SER A 131 10.12 -1.23 13.85
CA SER A 131 9.90 -2.66 13.93
C SER A 131 8.91 -3.14 12.86
N VAL A 132 8.92 -4.46 12.64
CA VAL A 132 7.89 -5.15 11.88
C VAL A 132 7.23 -6.15 12.84
N ARG A 133 5.91 -6.07 12.97
CA ARG A 133 5.23 -6.98 13.86
C ARG A 133 4.28 -7.87 13.09
N ILE A 134 4.17 -9.12 13.56
CA ILE A 134 3.23 -10.11 13.04
C ILE A 134 2.18 -10.37 14.11
N TRP A 135 0.91 -10.30 13.72
CA TRP A 135 -0.23 -10.39 14.62
C TRP A 135 -1.15 -11.56 14.23
N ASP A 136 -1.79 -12.14 15.24
CA ASP A 136 -2.76 -13.21 15.04
C ASP A 136 -4.16 -12.61 14.83
N VAL A 137 -4.77 -12.91 13.68
CA VAL A 137 -6.04 -12.27 13.33
C VAL A 137 -7.15 -12.66 14.32
N LYS A 138 -7.15 -13.92 14.77
CA LYS A 138 -8.23 -14.43 15.61
C LYS A 138 -8.22 -13.79 17.00
N THR A 139 -7.06 -13.77 17.65
CA THR A 139 -6.94 -13.27 19.02
C THR A 139 -6.47 -11.82 19.08
N GLY A 140 -5.97 -11.27 17.98
CA GLY A 140 -5.54 -9.88 17.95
C GLY A 140 -4.25 -9.62 18.69
N LYS A 141 -3.47 -10.65 18.96
CA LYS A 141 -2.28 -10.53 19.79
C LYS A 141 -1.03 -10.62 18.92
N CYS A 142 -0.01 -9.89 19.35
CA CYS A 142 1.25 -9.77 18.61
C CYS A 142 2.03 -11.07 18.72
N LEU A 143 2.21 -11.75 17.58
CA LEU A 143 2.93 -13.01 17.61
C LEU A 143 4.44 -12.83 17.60
N LYS A 144 4.96 -11.84 16.86
CA LYS A 144 6.40 -11.57 16.79
C LYS A 144 6.66 -10.08 16.54
N THR A 145 7.71 -9.56 17.20
CA THR A 145 8.28 -8.24 16.94
C THR A 145 9.65 -8.43 16.29
N LEU A 146 9.77 -8.00 15.03
CA LEU A 146 11.04 -8.08 14.33
C LEU A 146 11.80 -6.76 14.48
N PRO A 147 13.00 -6.76 15.05
CA PRO A 147 13.80 -5.53 15.04
C PRO A 147 14.31 -5.27 13.63
N ALA A 148 13.41 -4.81 12.78
CA ALA A 148 13.58 -4.98 11.34
C ALA A 148 14.51 -3.94 10.73
N HIS A 149 14.57 -2.73 11.30
CA HIS A 149 15.20 -1.61 10.63
C HIS A 149 15.74 -0.64 11.67
N SER A 150 16.47 0.36 11.19
CA SER A 150 17.00 1.43 12.03
C SER A 150 16.35 2.76 11.68
N ASP A 151 15.18 2.71 11.05
CA ASP A 151 14.42 3.90 10.67
C ASP A 151 12.99 3.47 10.47
N PRO A 152 12.06 4.41 10.35
CA PRO A 152 10.65 4.03 10.16
C PRO A 152 10.45 3.07 9.00
N VAL A 153 9.56 2.10 9.22
CA VAL A 153 9.22 1.08 8.24
C VAL A 153 8.08 1.62 7.37
N SER A 154 8.39 1.89 6.09
CA SER A 154 7.44 2.53 5.20
C SER A 154 6.39 1.57 4.65
N ALA A 155 6.67 0.27 4.59
CA ALA A 155 5.81 -0.67 3.89
C ALA A 155 6.12 -2.10 4.34
N VAL A 156 5.09 -2.97 4.35
CA VAL A 156 5.26 -4.41 4.62
C VAL A 156 4.30 -5.22 3.76
N HIS A 157 4.73 -6.41 3.32
CA HIS A 157 3.91 -7.16 2.38
C HIS A 157 4.29 -8.65 2.46
N PHE A 158 3.28 -9.50 2.38
CA PHE A 158 3.44 -10.95 2.33
C PHE A 158 3.57 -11.38 0.86
N ASN A 159 4.22 -12.49 0.66
CA ASN A 159 4.32 -13.04 -0.67
C ASN A 159 3.11 -13.91 -0.95
N ARG A 160 3.10 -14.60 -2.07
CA ARG A 160 1.91 -15.31 -2.50
C ARG A 160 1.40 -16.41 -1.61
N ASP A 161 2.26 -16.97 -0.80
CA ASP A 161 1.85 -18.04 0.09
C ASP A 161 2.07 -17.68 1.53
N GLY A 162 2.50 -16.46 1.77
CA GLY A 162 2.66 -16.07 3.14
C GLY A 162 3.93 -16.52 3.81
N SER A 163 4.77 -17.29 3.13
CA SER A 163 6.00 -17.75 3.76
C SER A 163 7.01 -16.64 3.94
N LEU A 164 6.88 -15.54 3.20
CA LEU A 164 7.85 -14.46 3.28
C LEU A 164 7.17 -13.14 3.57
N ILE A 165 7.88 -12.26 4.25
CA ILE A 165 7.51 -10.86 4.39
C ILE A 165 8.61 -10.01 3.76
N VAL A 166 8.21 -9.02 2.95
CA VAL A 166 9.14 -7.98 2.51
C VAL A 166 8.80 -6.70 3.26
N SER A 167 9.83 -5.92 3.63
CA SER A 167 9.67 -4.67 4.33
C SER A 167 10.60 -3.62 3.74
N SER A 168 10.28 -2.34 3.93
CA SER A 168 11.12 -1.25 3.45
C SER A 168 11.18 -0.17 4.52
N SER A 169 12.26 0.62 4.48
CA SER A 169 12.46 1.57 5.56
C SER A 169 13.23 2.79 5.07
N TYR A 170 13.09 3.86 5.83
CA TYR A 170 13.88 5.06 5.59
C TYR A 170 15.37 4.86 5.86
N ASP A 171 15.77 3.71 6.43
CA ASP A 171 17.19 3.42 6.58
C ASP A 171 17.81 2.92 5.28
N GLY A 172 17.05 2.95 4.19
CA GLY A 172 17.57 2.63 2.88
C GLY A 172 17.53 1.17 2.52
N LEU A 173 16.97 0.33 3.39
CA LEU A 173 17.01 -1.11 3.12
C LEU A 173 15.71 -1.79 2.74
N CYS A 174 15.78 -2.92 2.07
CA CYS A 174 14.60 -3.70 1.82
C CYS A 174 14.98 -5.05 2.35
N ARG A 175 14.15 -5.61 3.21
CA ARG A 175 14.46 -6.89 3.81
C ARG A 175 13.40 -7.98 3.64
N ILE A 176 13.85 -9.20 3.44
CA ILE A 176 12.95 -10.32 3.25
C ILE A 176 13.04 -11.20 4.47
N TRP A 177 11.88 -11.53 5.05
CA TRP A 177 11.80 -12.21 6.33
C TRP A 177 11.08 -13.54 6.19
N ASP A 178 11.56 -14.54 6.92
CA ASP A 178 10.87 -15.82 7.04
C ASP A 178 9.72 -15.68 8.02
N THR A 179 8.49 -15.85 7.54
CA THR A 179 7.32 -15.54 8.35
C THR A 179 7.25 -16.44 9.57
N ALA A 180 7.68 -17.69 9.45
CA ALA A 180 7.54 -18.65 10.53
C ALA A 180 8.58 -18.41 11.63
N SER A 181 9.83 -18.22 11.24
CA SER A 181 10.91 -18.06 12.20
C SER A 181 11.23 -16.62 12.54
N GLY A 182 10.85 -15.66 11.67
CA GLY A 182 11.20 -14.27 11.88
C GLY A 182 12.63 -13.91 11.56
N GLN A 183 13.34 -14.78 10.84
CA GLN A 183 14.74 -14.52 10.50
C GLN A 183 14.84 -13.68 9.25
N CYS A 184 15.83 -12.79 9.23
CA CYS A 184 16.17 -12.03 8.03
C CYS A 184 16.86 -12.94 7.03
N LEU A 185 16.21 -13.16 5.87
CA LEU A 185 16.72 -14.00 4.80
C LEU A 185 17.50 -13.24 3.74
N LYS A 186 17.38 -11.92 3.76
CA LYS A 186 17.98 -11.10 2.72
C LYS A 186 17.92 -9.64 3.05
N THR A 187 18.87 -8.89 2.53
CA THR A 187 18.91 -7.45 2.70
C THR A 187 19.32 -6.90 1.35
N LEU A 188 18.47 -6.05 0.76
CA LEU A 188 18.70 -5.50 -0.57
C LEU A 188 18.91 -4.00 -0.49
N ILE A 189 19.95 -3.52 -1.18
CA ILE A 189 20.20 -2.08 -1.34
C ILE A 189 21.08 -1.87 -2.56
N ASP A 190 20.74 -0.90 -3.37
CA ASP A 190 21.57 -0.59 -4.50
C ASP A 190 22.65 0.41 -4.10
N ASP A 191 23.38 0.90 -5.07
CA ASP A 191 24.50 1.77 -4.75
C ASP A 191 24.15 3.01 -3.93
N ASP A 192 23.19 3.80 -4.35
CA ASP A 192 22.81 4.91 -3.52
C ASP A 192 21.93 4.37 -2.41
N ASN A 193 21.92 5.04 -1.28
CA ASN A 193 21.11 4.56 -0.17
C ASN A 193 20.02 5.62 0.06
N PRO A 194 19.09 5.74 -0.91
CA PRO A 194 18.01 6.67 -0.60
C PRO A 194 16.96 5.92 0.23
N PRO A 195 16.22 6.66 1.04
CA PRO A 195 15.16 5.98 1.80
C PRO A 195 14.23 5.19 0.88
N VAL A 196 13.88 3.98 1.29
CA VAL A 196 12.91 3.17 0.55
C VAL A 196 11.53 3.50 1.08
N SER A 197 10.67 4.06 0.23
CA SER A 197 9.37 4.55 0.63
C SER A 197 8.25 3.54 0.43
N PHE A 198 8.49 2.47 -0.30
CA PHE A 198 7.43 1.51 -0.61
C PHE A 198 8.10 0.27 -1.16
N VAL A 199 7.40 -0.86 -1.01
CA VAL A 199 7.85 -2.14 -1.55
C VAL A 199 6.66 -3.10 -1.54
N LYS A 200 6.61 -4.00 -2.53
CA LYS A 200 5.64 -5.10 -2.51
C LYS A 200 6.13 -6.21 -3.46
N PHE A 201 5.67 -7.44 -3.19
CA PHE A 201 5.95 -8.58 -4.05
C PHE A 201 5.13 -8.47 -5.32
N SER A 202 5.71 -8.94 -6.44
CA SER A 202 4.93 -9.06 -7.67
C SER A 202 3.83 -10.09 -7.48
N PRO A 203 2.82 -10.11 -8.37
CA PRO A 203 1.71 -11.05 -8.14
C PRO A 203 2.13 -12.50 -8.10
N ASN A 204 3.01 -12.92 -9.01
CA ASN A 204 3.60 -14.25 -8.93
C ASN A 204 4.60 -14.38 -7.79
N GLY A 205 4.98 -13.29 -7.14
CA GLY A 205 5.86 -13.35 -6.00
C GLY A 205 7.32 -13.61 -6.30
N LYS A 206 7.73 -13.65 -7.56
CA LYS A 206 9.16 -13.82 -7.81
C LYS A 206 9.94 -12.50 -7.76
N TYR A 207 9.25 -11.37 -7.88
CA TYR A 207 9.90 -10.06 -7.86
C TYR A 207 9.36 -9.24 -6.70
N ILE A 208 10.09 -8.17 -6.39
CA ILE A 208 9.60 -7.13 -5.49
C ILE A 208 9.74 -5.81 -6.22
N LEU A 209 8.68 -5.02 -6.19
CA LEU A 209 8.68 -3.66 -6.69
C LEU A 209 8.92 -2.76 -5.50
N ALA A 210 9.88 -1.85 -5.62
CA ALA A 210 10.29 -1.01 -4.50
C ALA A 210 10.53 0.41 -4.98
N ALA A 211 10.09 1.38 -4.19
CA ALA A 211 10.20 2.80 -4.52
C ALA A 211 11.16 3.44 -3.55
N THR A 212 11.98 4.38 -4.06
CA THR A 212 12.94 5.12 -3.26
C THR A 212 12.74 6.61 -3.48
N LEU A 213 13.11 7.39 -2.45
CA LEU A 213 12.86 8.83 -2.46
C LEU A 213 14.00 9.45 -3.27
N ASP A 214 14.13 9.01 -4.52
CA ASP A 214 15.06 9.56 -5.48
C ASP A 214 14.37 9.37 -6.83
N ASN A 215 13.04 9.48 -6.83
CA ASN A 215 12.24 9.49 -8.05
C ASN A 215 12.42 8.22 -8.86
N THR A 216 12.56 7.09 -8.16
CA THR A 216 12.88 5.83 -8.82
C THR A 216 12.02 4.70 -8.27
N LEU A 217 11.44 3.91 -9.18
CA LEU A 217 10.93 2.59 -8.87
C LEU A 217 11.89 1.55 -9.47
N LYS A 218 12.01 0.43 -8.78
CA LYS A 218 12.85 -0.64 -9.27
C LYS A 218 12.23 -2.01 -9.06
N LEU A 219 12.39 -2.88 -10.05
CA LEU A 219 11.90 -4.23 -9.93
C LEU A 219 13.09 -5.13 -9.61
N TRP A 220 13.02 -5.83 -8.50
CA TRP A 220 14.09 -6.70 -8.10
C TRP A 220 13.76 -8.17 -8.11
N ASP A 221 14.72 -9.00 -8.44
CA ASP A 221 14.57 -10.42 -8.29
C ASP A 221 15.27 -10.58 -6.98
N TYR A 222 14.52 -10.79 -5.93
CA TYR A 222 15.12 -10.80 -4.61
C TYR A 222 15.90 -12.06 -4.26
N SER A 223 15.65 -13.13 -4.97
CA SER A 223 16.43 -14.32 -4.74
C SER A 223 17.84 -14.08 -5.18
N LYS A 224 17.98 -13.52 -6.37
CA LYS A 224 19.29 -13.25 -6.88
C LYS A 224 19.89 -11.95 -6.37
N GLY A 225 19.11 -11.12 -5.72
CA GLY A 225 19.60 -9.84 -5.29
C GLY A 225 19.93 -8.94 -6.45
N LYS A 226 19.08 -8.90 -7.45
CA LYS A 226 19.41 -8.15 -8.64
C LYS A 226 18.28 -7.24 -9.14
N CYS A 227 18.65 -6.00 -9.48
CA CYS A 227 17.67 -5.06 -10.02
C CYS A 227 17.49 -5.32 -11.48
N LEU A 228 16.30 -5.66 -11.87
CA LEU A 228 15.99 -6.04 -13.24
C LEU A 228 15.51 -4.86 -14.07
N LYS A 229 14.61 -4.04 -13.52
CA LYS A 229 14.05 -2.94 -14.26
C LYS A 229 14.09 -1.69 -13.38
N THR A 230 14.02 -0.55 -14.04
CA THR A 230 13.96 0.74 -13.38
C THR A 230 12.89 1.57 -14.05
N TYR A 231 12.00 2.17 -13.28
CA TYR A 231 10.94 3.00 -13.83
C TYR A 231 11.11 4.42 -13.31
N THR A 232 11.29 5.36 -14.21
CA THR A 232 11.61 6.73 -13.86
C THR A 232 10.71 7.65 -14.68
N GLY A 233 10.74 8.94 -14.34
CA GLY A 233 9.93 9.94 -14.99
C GLY A 233 8.92 10.60 -14.08
N HIS A 234 8.60 9.98 -12.95
CA HIS A 234 7.66 10.54 -11.98
C HIS A 234 8.44 11.33 -10.93
N LYS A 235 7.72 12.08 -10.10
CA LYS A 235 8.29 12.78 -8.94
C LYS A 235 7.98 12.05 -7.63
N ASN A 236 9.03 11.60 -6.96
CA ASN A 236 8.90 10.98 -5.64
C ASN A 236 10.12 11.18 -4.74
N GLU A 237 10.17 12.30 -4.06
CA GLU A 237 11.25 12.61 -3.17
C GLU A 237 10.91 12.88 -1.71
N LYS A 238 9.65 13.07 -1.37
CA LYS A 238 9.27 13.46 -0.01
C LYS A 238 8.27 12.39 0.57
N TYR A 239 7.45 11.73 -0.26
CA TYR A 239 6.37 10.82 0.25
C TYR A 239 6.29 9.33 -0.07
N CYS A 240 5.66 8.58 0.83
CA CYS A 240 5.52 7.13 0.65
C CYS A 240 4.34 6.82 -0.27
N ILE A 241 4.60 6.89 -1.57
CA ILE A 241 3.59 6.68 -2.59
C ILE A 241 3.52 5.18 -2.91
N PHE A 242 2.30 4.64 -2.95
CA PHE A 242 2.10 3.26 -3.37
C PHE A 242 2.39 3.12 -4.86
N ALA A 243 2.99 2.01 -5.24
CA ALA A 243 3.03 1.56 -6.63
C ALA A 243 2.38 0.19 -6.73
N ASN A 244 2.05 -0.21 -7.96
CA ASN A 244 1.24 -1.39 -8.24
C ASN A 244 1.71 -2.11 -9.49
N PHE A 245 1.42 -3.40 -9.54
CA PHE A 245 1.43 -4.16 -10.78
C PHE A 245 0.01 -4.17 -11.34
N SER A 246 -0.14 -3.80 -12.62
CA SER A 246 -1.41 -3.88 -13.32
C SER A 246 -1.32 -5.02 -14.31
N VAL A 247 -2.27 -5.96 -14.23
CA VAL A 247 -2.17 -7.21 -14.98
C VAL A 247 -3.51 -7.61 -15.58
N THR A 248 -4.50 -6.72 -15.52
CA THR A 248 -5.80 -7.05 -16.09
C THR A 248 -5.80 -6.90 -17.62
N GLY A 249 -5.10 -5.90 -18.13
CA GLY A 249 -4.93 -5.74 -19.57
C GLY A 249 -3.47 -5.88 -19.93
N GLY A 250 -2.82 -4.79 -20.34
CA GLY A 250 -1.38 -4.80 -20.45
C GLY A 250 -0.71 -5.01 -19.10
N LYS A 251 0.57 -5.36 -19.14
CA LYS A 251 1.36 -5.50 -17.93
C LYS A 251 2.06 -4.16 -17.70
N TRP A 252 1.51 -3.40 -16.77
CA TRP A 252 1.96 -2.05 -16.47
C TRP A 252 2.48 -1.96 -15.06
N ILE A 253 3.27 -0.90 -14.81
CA ILE A 253 3.56 -0.42 -13.47
C ILE A 253 2.75 0.86 -13.29
N VAL A 254 2.02 0.96 -12.18
CA VAL A 254 1.19 2.13 -11.90
C VAL A 254 1.66 2.79 -10.62
N SER A 255 1.80 4.12 -10.65
CA SER A 255 2.23 4.86 -9.47
C SER A 255 1.72 6.30 -9.50
N GLY A 256 1.37 6.80 -8.32
CA GLY A 256 1.15 8.22 -8.16
C GLY A 256 2.48 8.96 -8.15
N SER A 257 2.39 10.28 -8.02
CA SER A 257 3.58 11.11 -8.16
C SER A 257 3.35 12.44 -7.44
N GLU A 258 4.45 13.06 -7.01
CA GLU A 258 4.38 14.34 -6.32
C GLU A 258 4.15 15.51 -7.28
N ASP A 259 4.00 15.24 -8.57
CA ASP A 259 3.58 16.21 -9.57
C ASP A 259 2.09 16.09 -9.90
N ASN A 260 1.33 15.41 -9.03
CA ASN A 260 -0.13 15.29 -9.07
C ASN A 260 -0.65 14.38 -10.19
N LEU A 261 0.24 13.60 -10.80
CA LEU A 261 -0.09 12.71 -11.90
C LEU A 261 0.02 11.26 -11.46
N VAL A 262 -0.76 10.41 -12.12
CA VAL A 262 -0.60 8.96 -12.05
C VAL A 262 0.19 8.51 -13.27
N TYR A 263 1.25 7.74 -13.03
CA TYR A 263 2.15 7.29 -14.09
C TYR A 263 1.90 5.83 -14.39
N ILE A 264 1.93 5.49 -15.66
CA ILE A 264 1.83 4.11 -16.10
C ILE A 264 3.02 3.84 -17.01
N TRP A 265 3.83 2.85 -16.63
CA TRP A 265 4.93 2.37 -17.46
C TRP A 265 4.59 0.99 -18.02
N ASN A 266 5.07 0.72 -19.22
CA ASN A 266 5.17 -0.65 -19.70
C ASN A 266 6.12 -1.41 -18.79
N LEU A 267 5.67 -2.55 -18.26
CA LEU A 267 6.49 -3.26 -17.28
C LEU A 267 7.79 -3.76 -17.89
N GLN A 268 7.73 -4.31 -19.11
CA GLN A 268 8.93 -4.87 -19.71
C GLN A 268 9.86 -3.79 -20.25
N THR A 269 9.33 -2.81 -20.97
CA THR A 269 10.22 -1.89 -21.67
C THR A 269 10.55 -0.65 -20.85
N LYS A 270 9.89 -0.46 -19.71
CA LYS A 270 10.12 0.63 -18.75
C LYS A 270 9.70 1.99 -19.28
N GLU A 271 9.03 2.04 -20.43
CA GLU A 271 8.62 3.29 -21.04
C GLU A 271 7.32 3.76 -20.42
N ILE A 272 7.25 5.07 -20.15
CA ILE A 272 5.98 5.67 -19.78
C ILE A 272 4.98 5.51 -20.92
N VAL A 273 3.80 5.01 -20.61
CA VAL A 273 2.78 4.80 -21.63
C VAL A 273 1.56 5.67 -21.43
N GLN A 274 1.35 6.23 -20.25
CA GLN A 274 0.25 7.14 -20.01
C GLN A 274 0.49 7.87 -18.70
N LYS A 275 0.08 9.13 -18.66
CA LYS A 275 0.04 9.90 -17.42
C LYS A 275 -1.39 10.38 -17.23
N LEU A 276 -1.91 10.22 -16.02
CA LEU A 276 -3.29 10.58 -15.71
C LEU A 276 -3.34 11.93 -15.00
N GLN A 277 -4.06 12.88 -15.53
CA GLN A 277 -4.12 14.22 -14.94
C GLN A 277 -5.43 14.57 -14.25
N GLY A 278 -5.37 15.49 -13.30
CA GLY A 278 -6.56 15.97 -12.61
C GLY A 278 -6.55 16.11 -11.14
N HIS A 279 -5.60 15.48 -10.50
CA HIS A 279 -5.48 15.66 -9.10
C HIS A 279 -4.81 17.01 -8.86
N THR A 280 -5.06 17.61 -7.72
CA THR A 280 -4.54 18.93 -7.42
C THR A 280 -3.52 18.89 -6.31
N ASP A 281 -3.17 17.70 -5.88
CA ASP A 281 -2.13 17.53 -4.89
C ASP A 281 -1.43 16.20 -5.19
N VAL A 282 -0.48 15.84 -4.32
CA VAL A 282 0.32 14.63 -4.50
C VAL A 282 -0.59 13.41 -4.57
N VAL A 283 -0.45 12.62 -5.64
CA VAL A 283 -1.18 11.35 -5.69
C VAL A 283 -0.47 10.35 -4.79
N ILE A 284 -0.88 10.32 -3.52
CA ILE A 284 -0.20 9.49 -2.52
C ILE A 284 -0.46 7.99 -2.74
N SER A 285 -1.57 7.63 -3.39
CA SER A 285 -1.93 6.21 -3.43
C SER A 285 -2.61 5.91 -4.75
N THR A 286 -2.31 4.73 -5.31
CA THR A 286 -3.07 4.19 -6.44
C THR A 286 -3.33 2.72 -6.17
N ALA A 287 -4.35 2.18 -6.84
CA ALA A 287 -4.69 0.77 -6.74
C ALA A 287 -5.24 0.30 -8.06
N CYS A 288 -5.07 -0.99 -8.35
CA CYS A 288 -5.46 -1.63 -9.60
C CYS A 288 -6.53 -2.66 -9.31
N HIS A 289 -7.62 -2.63 -10.07
CA HIS A 289 -8.76 -3.49 -9.79
C HIS A 289 -8.45 -4.94 -10.18
N PRO A 290 -8.83 -5.92 -9.35
CA PRO A 290 -8.38 -7.30 -9.58
C PRO A 290 -8.87 -7.92 -10.90
N THR A 291 -9.92 -7.42 -11.52
CA THR A 291 -10.39 -8.08 -12.74
C THR A 291 -10.70 -7.14 -13.89
N GLU A 292 -10.88 -5.84 -13.65
CA GLU A 292 -11.16 -4.86 -14.68
C GLU A 292 -10.01 -3.88 -14.80
N ASN A 293 -9.93 -3.23 -15.96
CA ASN A 293 -8.95 -2.19 -16.14
C ASN A 293 -9.45 -0.92 -15.45
N ILE A 294 -9.41 -0.93 -14.14
CA ILE A 294 -9.77 0.24 -13.36
C ILE A 294 -8.66 0.61 -12.41
N ILE A 295 -8.32 1.89 -12.39
CA ILE A 295 -7.35 2.37 -11.42
C ILE A 295 -7.99 3.35 -10.47
N ALA A 296 -7.70 3.22 -9.19
CA ALA A 296 -8.17 4.18 -8.24
C ALA A 296 -6.97 4.98 -7.82
N SER A 297 -7.18 6.25 -7.58
CA SER A 297 -6.11 7.17 -7.27
C SER A 297 -6.58 8.10 -6.16
N ALA A 298 -5.74 8.40 -5.22
CA ALA A 298 -6.13 9.34 -4.19
C ALA A 298 -5.06 10.36 -3.94
N ALA A 299 -5.46 11.52 -3.47
CA ALA A 299 -4.52 12.59 -3.29
C ALA A 299 -4.52 13.26 -1.93
N LEU A 300 -3.55 14.13 -1.72
CA LEU A 300 -3.36 14.75 -0.42
C LEU A 300 -4.21 15.95 -0.02
N GLU A 301 -3.81 16.65 1.05
CA GLU A 301 -4.60 17.73 1.64
C GLU A 301 -5.29 18.81 0.80
N ASN A 302 -4.65 19.22 -0.27
CA ASN A 302 -5.27 20.22 -1.12
C ASN A 302 -6.23 19.63 -2.16
N ASP A 303 -6.38 18.32 -2.15
CA ASP A 303 -7.28 17.63 -3.09
C ASP A 303 -8.33 16.87 -2.32
N LYS A 304 -7.93 15.90 -1.53
CA LYS A 304 -8.84 15.11 -0.69
C LYS A 304 -9.81 14.22 -1.48
N THR A 305 -9.57 14.05 -2.76
CA THR A 305 -10.44 13.24 -3.59
C THR A 305 -9.84 11.96 -4.05
N ILE A 306 -10.70 11.02 -4.34
CA ILE A 306 -10.28 9.77 -4.90
C ILE A 306 -10.84 9.78 -6.30
N LYS A 307 -10.11 9.23 -7.24
CA LYS A 307 -10.57 9.18 -8.61
C LYS A 307 -10.50 7.80 -9.19
N LEU A 308 -11.47 7.48 -10.03
CA LEU A 308 -11.53 6.18 -10.65
C LEU A 308 -11.39 6.27 -12.14
N TRP A 309 -10.39 5.60 -12.67
CA TRP A 309 -10.13 5.62 -14.07
C TRP A 309 -10.31 4.27 -14.74
N LYS A 310 -10.77 4.29 -15.98
CA LYS A 310 -10.96 3.05 -16.72
C LYS A 310 -10.41 3.11 -18.12
N SER A 311 -9.86 2.01 -18.59
CA SER A 311 -9.36 1.92 -19.94
C SER A 311 -10.40 1.19 -20.73
C ACE B 1 -0.64 10.27 8.72
O ACE B 1 -0.57 11.20 7.93
CH3 ACE B 1 -1.98 9.67 9.09
N ALA B 2 0.44 9.69 9.25
CA ALA B 2 1.77 10.23 8.92
C ALA B 2 2.06 10.14 7.42
N ARG B 3 1.51 9.13 6.72
CA ARG B 3 1.73 9.07 5.28
C ARG B 3 1.30 10.37 4.59
N ALA B 4 0.27 11.01 5.12
CA ALA B 4 -0.35 12.20 4.53
C ALA B 4 0.59 13.39 4.59
N NH2 B 5 1.67 13.24 5.36
#